data_2I7S
#
_entry.id   2I7S
#
_cell.length_a   33.135
_cell.length_b   58.980
_cell.length_c   66.107
_cell.angle_alpha   82.920
_cell.angle_beta   78.110
_cell.angle_gamma   76.680
#
_symmetry.space_group_name_H-M   'P 1'
#
loop_
_entity.id
_entity.type
_entity.pdbx_description
1 polymer Azurin
2 non-polymer 'COPPER (II) ION'
3 non-polymer '(1,10 PHENANTHROLINE)-(TRI-CARBON MONOXIDE) RHENIUM (I)'
4 non-polymer 'COBALT TETRAAMMINE ION'
5 water water
#
_entity_poly.entity_id   1
_entity_poly.type   'polypeptide(L)'
_entity_poly.pdbx_seq_one_letter_code
;AQCSVDIQGNDQMQFNTNAITVDKSCKQFTVNLSHPGNLPKNVMGHNWVLSTAADMQGVVTDGMASGLDKDYLKPDDSRV
IAQTKLIGSGEKDSVTFDVSKLKEGEQYMFFCTFPGHSALMKGHLTLK
;
_entity_poly.pdbx_strand_id   A,B,C,D
#
loop_
_chem_comp.id
_chem_comp.type
_chem_comp.name
_chem_comp.formula
CON non-polymer 'COBALT TETRAAMMINE ION' 'Co H12 N4 3'
CU non-polymer 'COPPER (II) ION' 'Cu 2'
REP non-polymer '(1,10 PHENANTHROLINE)-(TRI-CARBON MONOXIDE) RHENIUM (I)' 'C15 H8 N2 O3 Re'
#
# COMPACT_ATOMS: atom_id res chain seq x y z
N ALA A 1 23.99 -9.60 2.81
CA ALA A 1 22.75 -9.12 3.42
C ALA A 1 21.64 -8.96 2.37
N GLN A 2 20.46 -8.53 2.84
CA GLN A 2 19.28 -8.46 2.02
C GLN A 2 19.06 -7.07 1.42
N CYS A 3 19.44 -7.05 0.16
CA CYS A 3 19.28 -6.01 -0.84
C CYS A 3 18.79 -6.65 -2.13
N SER A 4 17.83 -7.56 -2.03
CA SER A 4 17.25 -8.16 -3.23
C SER A 4 15.81 -8.59 -2.97
N VAL A 5 15.07 -8.84 -4.04
CA VAL A 5 13.73 -9.40 -3.97
C VAL A 5 13.54 -10.35 -5.16
N ASP A 6 12.84 -11.45 -4.90
CA ASP A 6 12.43 -12.41 -5.90
C ASP A 6 10.98 -12.17 -6.31
N ILE A 7 10.74 -11.81 -7.56
CA ILE A 7 9.45 -11.53 -8.16
C ILE A 7 9.06 -12.55 -9.23
N GLN A 8 7.81 -12.96 -9.21
CA GLN A 8 7.25 -13.76 -10.28
C GLN A 8 6.16 -13.00 -11.03
N GLY A 9 6.06 -13.27 -12.32
CA GLY A 9 4.89 -12.98 -13.15
C GLY A 9 4.32 -14.30 -13.68
N ASN A 10 3.03 -14.55 -13.46
CA ASN A 10 2.43 -15.82 -13.82
C ASN A 10 1.51 -15.73 -15.04
N ASP A 11 0.84 -16.84 -15.37
CA ASP A 11 -0.02 -16.90 -16.54
C ASP A 11 -1.36 -16.18 -16.30
N GLN A 12 -1.62 -15.70 -15.10
CA GLN A 12 -2.87 -15.00 -14.78
C GLN A 12 -2.66 -13.48 -14.84
N MET A 13 -1.49 -13.06 -15.32
CA MET A 13 -1.15 -11.64 -15.50
C MET A 13 -1.07 -10.93 -14.15
N GLN A 14 -0.44 -11.57 -13.18
CA GLN A 14 -0.20 -10.98 -11.87
C GLN A 14 1.26 -11.08 -11.42
N PHE A 15 1.75 -10.07 -10.72
CA PHE A 15 3.01 -10.18 -9.98
C PHE A 15 2.68 -10.84 -8.63
N ASN A 16 3.62 -11.47 -7.95
CA ASN A 16 3.35 -12.08 -6.63
C ASN A 16 3.51 -11.06 -5.50
N THR A 17 3.85 -9.82 -5.82
CA THR A 17 3.91 -8.76 -4.82
C THR A 17 3.49 -7.43 -5.44
N ASN A 18 2.90 -6.53 -4.66
CA ASN A 18 2.62 -5.20 -5.21
C ASN A 18 3.31 -4.08 -4.48
N ALA A 19 4.26 -4.42 -3.61
CA ALA A 19 5.02 -3.37 -2.93
C ALA A 19 6.42 -3.87 -2.59
N ILE A 20 7.44 -3.08 -2.93
CA ILE A 20 8.81 -3.51 -2.69
C ILE A 20 9.46 -2.44 -1.81
N THR A 21 10.13 -2.85 -0.73
CA THR A 21 10.87 -1.86 0.04
C THR A 21 12.38 -2.00 -0.16
N VAL A 22 13.06 -0.89 -0.40
CA VAL A 22 14.52 -0.86 -0.49
C VAL A 22 15.09 -0.40 0.85
N ASP A 23 16.01 -1.13 1.46
CA ASP A 23 16.64 -0.63 2.70
C ASP A 23 17.66 0.46 2.34
N LYS A 24 17.57 1.64 2.96
CA LYS A 24 18.44 2.76 2.63
C LYS A 24 19.93 2.46 2.87
N SER A 25 20.20 1.37 3.57
CA SER A 25 21.59 1.00 3.81
C SER A 25 22.16 0.08 2.74
N CYS A 26 21.42 -0.14 1.66
CA CYS A 26 21.91 -0.87 0.48
C CYS A 26 22.60 0.07 -0.50
N LYS A 27 23.78 -0.27 -1.04
CA LYS A 27 24.31 0.61 -2.09
C LYS A 27 23.65 0.29 -3.45
N GLN A 28 23.33 -0.97 -3.64
CA GLN A 28 22.69 -1.48 -4.86
C GLN A 28 21.51 -2.36 -4.48
N PHE A 29 20.54 -2.48 -5.38
CA PHE A 29 19.36 -3.33 -5.15
C PHE A 29 19.17 -4.24 -6.34
N THR A 30 18.85 -5.50 -6.08
CA THR A 30 18.64 -6.43 -7.21
C THR A 30 17.25 -7.05 -7.23
N VAL A 31 16.61 -7.10 -8.41
CA VAL A 31 15.35 -7.81 -8.62
C VAL A 31 15.55 -9.05 -9.50
N ASN A 32 15.17 -10.22 -8.98
CA ASN A 32 15.24 -11.47 -9.73
C ASN A 32 13.83 -11.82 -10.21
N LEU A 33 13.58 -11.68 -11.52
CA LEU A 33 12.29 -11.99 -12.09
C LEU A 33 12.23 -13.41 -12.67
N SER A 34 11.15 -14.14 -12.40
CA SER A 34 10.88 -15.42 -13.02
C SER A 34 9.45 -15.52 -13.56
N HIS A 35 9.24 -16.49 -14.45
CA HIS A 35 7.90 -16.71 -15.03
C HIS A 35 7.51 -18.18 -14.92
N PRO A 36 6.85 -18.55 -13.84
CA PRO A 36 6.31 -19.93 -13.75
C PRO A 36 5.11 -20.01 -14.68
N GLY A 37 4.63 -21.20 -15.03
CA GLY A 37 3.52 -21.14 -16.00
C GLY A 37 4.01 -21.61 -17.37
N ASN A 38 3.13 -21.71 -18.37
CA ASN A 38 3.58 -22.36 -19.60
C ASN A 38 3.34 -21.53 -20.85
N LEU A 39 2.89 -20.27 -20.68
CA LEU A 39 2.63 -19.50 -21.89
C LEU A 39 3.90 -18.73 -22.30
N PRO A 40 4.11 -18.64 -23.60
CA PRO A 40 5.35 -17.98 -24.10
C PRO A 40 5.24 -16.45 -24.12
N LYS A 41 6.36 -15.80 -24.41
CA LYS A 41 6.45 -14.36 -24.19
C LYS A 41 5.67 -13.53 -25.19
N ASN A 42 5.27 -14.11 -26.31
CA ASN A 42 4.53 -13.30 -27.28
C ASN A 42 3.06 -13.11 -26.87
N VAL A 43 2.56 -13.94 -25.97
CA VAL A 43 1.18 -13.78 -25.47
C VAL A 43 1.11 -13.57 -23.97
N MET A 44 2.20 -13.83 -23.24
CA MET A 44 2.16 -13.60 -21.79
C MET A 44 3.54 -13.19 -21.29
N GLY A 45 4.24 -12.33 -22.06
CA GLY A 45 5.57 -11.90 -21.65
C GLY A 45 5.51 -10.94 -20.46
N HIS A 46 6.54 -11.02 -19.61
CA HIS A 46 6.65 -10.10 -18.48
C HIS A 46 8.06 -9.52 -18.36
N ASN A 47 8.10 -8.23 -18.07
CA ASN A 47 9.34 -7.56 -17.64
C ASN A 47 9.04 -6.86 -16.30
N TRP A 48 10.08 -6.34 -15.70
CA TRP A 48 10.03 -5.58 -14.45
C TRP A 48 10.73 -4.25 -14.77
N VAL A 49 9.98 -3.16 -14.72
CA VAL A 49 10.43 -1.84 -15.13
C VAL A 49 10.17 -0.81 -14.03
N LEU A 50 11.12 0.07 -13.74
CA LEU A 50 11.05 1.02 -12.64
C LEU A 50 11.17 2.47 -13.14
N SER A 51 10.24 3.33 -12.70
CA SER A 51 10.24 4.75 -13.06
C SER A 51 9.63 5.56 -11.92
N THR A 52 9.66 6.88 -11.99
CA THR A 52 8.85 7.64 -11.05
C THR A 52 7.37 7.35 -11.34
N ALA A 53 6.49 7.52 -10.36
CA ALA A 53 5.07 7.30 -10.66
C ALA A 53 4.57 8.24 -11.75
N ALA A 54 5.10 9.46 -11.77
CA ALA A 54 4.68 10.44 -12.77
C ALA A 54 5.05 9.99 -14.18
N ASP A 55 6.15 9.24 -14.32
CA ASP A 55 6.53 8.81 -15.67
C ASP A 55 5.98 7.45 -16.08
N MET A 56 5.37 6.66 -15.21
CA MET A 56 4.94 5.31 -15.60
C MET A 56 4.10 5.29 -16.88
N GLN A 57 3.10 6.18 -16.96
CA GLN A 57 2.17 6.04 -18.08
C GLN A 57 2.83 6.31 -19.42
N GLY A 58 3.79 7.25 -19.49
CA GLY A 58 4.53 7.51 -20.72
C GLY A 58 5.45 6.38 -21.10
N VAL A 59 6.17 5.82 -20.14
CA VAL A 59 6.99 4.62 -20.37
C VAL A 59 6.16 3.46 -20.91
N VAL A 60 5.00 3.20 -20.29
CA VAL A 60 4.12 2.10 -20.74
C VAL A 60 3.61 2.36 -22.15
N THR A 61 3.17 3.59 -22.41
CA THR A 61 2.60 3.88 -23.73
C THR A 61 3.65 3.82 -24.84
N ASP A 62 4.83 4.40 -24.62
CA ASP A 62 5.90 4.33 -25.61
C ASP A 62 6.42 2.90 -25.76
N GLY A 63 6.36 2.13 -24.68
CA GLY A 63 6.73 0.72 -24.64
C GLY A 63 5.86 -0.09 -25.57
N MET A 64 4.54 0.08 -25.49
CA MET A 64 3.69 -0.70 -26.41
C MET A 64 4.07 -0.40 -27.84
N ALA A 65 4.34 0.86 -28.17
CA ALA A 65 4.59 1.20 -29.56
C ALA A 65 5.94 0.69 -30.07
N SER A 66 6.85 0.36 -29.16
CA SER A 66 8.16 -0.17 -29.53
C SER A 66 8.11 -1.61 -29.97
N GLY A 67 7.09 -2.33 -29.49
CA GLY A 67 6.91 -3.71 -29.89
C GLY A 67 7.72 -4.81 -29.26
N LEU A 68 7.27 -6.03 -29.59
CA LEU A 68 7.80 -7.25 -29.02
C LEU A 68 9.31 -7.40 -29.20
N ASP A 69 9.79 -7.02 -30.37
CA ASP A 69 11.20 -7.18 -30.71
C ASP A 69 12.09 -6.26 -29.89
N LYS A 70 11.54 -5.21 -29.28
CA LYS A 70 12.29 -4.38 -28.37
C LYS A 70 11.81 -4.55 -26.92
N ASP A 71 11.24 -5.71 -26.61
CA ASP A 71 10.80 -6.04 -25.26
C ASP A 71 9.76 -5.04 -24.75
N TYR A 72 9.02 -4.44 -25.68
CA TYR A 72 7.98 -3.46 -25.36
C TYR A 72 8.54 -2.34 -24.49
N LEU A 73 9.77 -1.92 -24.81
CA LEU A 73 10.39 -0.76 -24.16
C LEU A 73 11.02 0.20 -25.17
N LYS A 74 10.79 1.51 -25.03
CA LYS A 74 11.43 2.45 -25.95
C LYS A 74 12.92 2.47 -25.70
N PRO A 75 13.71 2.31 -26.76
CA PRO A 75 15.16 2.38 -26.60
C PRO A 75 15.62 3.74 -26.07
N ASP A 76 16.68 3.74 -25.28
CA ASP A 76 17.27 4.94 -24.72
C ASP A 76 16.28 5.80 -23.98
N ASP A 77 15.43 5.17 -23.17
CA ASP A 77 14.37 5.90 -22.45
C ASP A 77 14.89 6.51 -21.15
N SER A 78 15.12 7.83 -21.10
CA SER A 78 15.71 8.43 -19.88
C SER A 78 14.89 8.32 -18.60
N ARG A 79 13.59 8.05 -18.76
CA ARG A 79 12.64 7.90 -17.68
C ARG A 79 12.77 6.57 -16.95
N VAL A 80 13.47 5.61 -17.55
CA VAL A 80 13.56 4.29 -16.94
C VAL A 80 14.78 4.14 -16.04
N ILE A 81 14.52 3.95 -14.74
CA ILE A 81 15.61 3.77 -13.76
C ILE A 81 16.26 2.41 -13.87
N ALA A 82 15.44 1.39 -14.11
CA ALA A 82 15.95 0.03 -14.19
C ALA A 82 14.95 -0.83 -14.98
N GLN A 83 15.43 -1.84 -15.69
CA GLN A 83 14.57 -2.74 -16.44
C GLN A 83 15.18 -4.12 -16.58
N THR A 84 14.36 -5.17 -16.56
CA THR A 84 14.71 -6.49 -17.04
C THR A 84 14.36 -6.61 -18.53
N LYS A 85 14.83 -7.66 -19.19
CA LYS A 85 14.29 -8.04 -20.50
C LYS A 85 12.89 -8.63 -20.36
N LEU A 86 12.16 -8.86 -21.45
CA LEU A 86 10.84 -9.49 -21.47
C LEU A 86 11.00 -10.99 -21.47
N ILE A 87 10.38 -11.72 -20.54
CA ILE A 87 10.56 -13.19 -20.45
C ILE A 87 9.25 -13.93 -20.60
N GLY A 88 9.33 -15.19 -21.04
CA GLY A 88 8.15 -16.05 -21.12
C GLY A 88 8.27 -17.21 -20.15
N SER A 89 7.37 -18.20 -20.19
CA SER A 89 7.41 -19.31 -19.23
C SER A 89 8.76 -20.03 -19.24
N GLY A 90 9.21 -20.37 -18.03
CA GLY A 90 10.46 -21.10 -17.90
C GLY A 90 11.71 -20.26 -17.93
N GLU A 91 11.56 -18.96 -18.25
CA GLU A 91 12.72 -18.08 -18.31
C GLU A 91 12.89 -17.23 -17.05
N LYS A 92 14.05 -16.58 -16.97
CA LYS A 92 14.41 -15.71 -15.86
C LYS A 92 15.24 -14.52 -16.32
N ASP A 93 15.22 -13.46 -15.52
CA ASP A 93 16.17 -12.34 -15.72
C ASP A 93 16.29 -11.52 -14.45
N SER A 94 17.45 -10.94 -14.20
CA SER A 94 17.70 -10.07 -13.06
C SER A 94 18.15 -8.67 -13.46
N VAL A 95 17.92 -7.72 -12.56
CA VAL A 95 18.49 -6.38 -12.81
C VAL A 95 18.95 -5.80 -11.47
N THR A 96 20.11 -5.15 -11.51
CA THR A 96 20.67 -4.42 -10.36
C THR A 96 20.77 -2.94 -10.66
N PHE A 97 20.40 -2.08 -9.69
CA PHE A 97 20.53 -0.63 -9.92
C PHE A 97 21.08 0.00 -8.62
N ASP A 98 21.64 1.19 -8.77
CA ASP A 98 22.22 1.97 -7.70
C ASP A 98 21.11 2.64 -6.88
N VAL A 99 21.14 2.42 -5.57
CA VAL A 99 20.14 2.99 -4.66
C VAL A 99 20.21 4.52 -4.67
N SER A 100 21.36 5.08 -5.05
CA SER A 100 21.52 6.52 -5.17
C SER A 100 20.59 7.09 -6.22
N LYS A 101 20.08 6.25 -7.14
CA LYS A 101 19.12 6.72 -8.13
C LYS A 101 17.74 7.05 -7.57
N LEU A 102 17.46 6.58 -6.35
CA LEU A 102 16.18 6.86 -5.69
C LEU A 102 16.31 8.15 -4.89
N LYS A 103 15.58 9.18 -5.32
CA LYS A 103 15.76 10.50 -4.72
C LYS A 103 14.78 10.84 -3.60
N GLU A 104 15.16 11.90 -2.87
CA GLU A 104 14.35 12.47 -1.81
C GLU A 104 13.10 13.17 -2.34
N GLY A 105 11.94 12.73 -1.87
CA GLY A 105 10.70 13.44 -2.18
C GLY A 105 10.08 13.03 -3.50
N GLU A 106 10.46 11.86 -3.99
CA GLU A 106 9.94 11.25 -5.20
C GLU A 106 9.23 9.95 -4.87
N GLN A 107 8.21 9.55 -5.61
CA GLN A 107 7.60 8.22 -5.43
C GLN A 107 7.87 7.39 -6.69
N TYR A 108 8.20 6.12 -6.51
CA TYR A 108 8.59 5.28 -7.65
C TYR A 108 7.60 4.15 -7.82
N MET A 109 7.36 3.70 -9.06
CA MET A 109 6.53 2.54 -9.32
C MET A 109 7.22 1.49 -10.20
N PHE A 110 6.87 0.21 -10.01
CA PHE A 110 7.34 -0.84 -10.91
C PHE A 110 6.13 -1.46 -11.63
N PHE A 111 6.39 -2.03 -12.80
CA PHE A 111 5.30 -2.47 -13.68
C PHE A 111 5.84 -3.31 -14.83
N CYS A 112 4.97 -4.08 -15.47
CA CYS A 112 5.22 -4.79 -16.74
C CYS A 112 4.71 -3.95 -17.91
N THR A 113 5.50 -3.83 -18.97
CA THR A 113 5.07 -3.01 -20.11
C THR A 113 4.51 -3.84 -21.27
N PHE A 114 4.28 -5.15 -21.12
CA PHE A 114 3.61 -5.91 -22.21
C PHE A 114 2.23 -5.34 -22.36
N PRO A 115 1.67 -5.16 -23.57
CA PRO A 115 0.38 -4.48 -23.72
C PRO A 115 -0.74 -5.01 -22.82
N GLY A 116 -1.28 -4.07 -22.03
CA GLY A 116 -2.39 -4.30 -21.10
C GLY A 116 -1.96 -4.73 -19.71
N HIS A 117 -0.73 -5.25 -19.58
CA HIS A 117 -0.43 -5.93 -18.32
C HIS A 117 -0.36 -5.00 -17.13
N SER A 118 0.09 -3.76 -17.30
CA SER A 118 0.23 -2.87 -16.13
C SER A 118 -1.08 -2.58 -15.41
N ALA A 119 -2.24 -2.90 -16.00
CA ALA A 119 -3.49 -2.71 -15.29
C ALA A 119 -3.51 -3.50 -13.99
N LEU A 120 -2.86 -4.66 -13.97
CA LEU A 120 -2.77 -5.45 -12.76
C LEU A 120 -1.31 -5.53 -12.30
N MET A 121 -0.37 -5.51 -13.24
CA MET A 121 1.02 -5.77 -12.96
C MET A 121 1.80 -4.49 -12.72
N LYS A 122 1.56 -3.94 -11.51
CA LYS A 122 2.14 -2.66 -11.14
C LYS A 122 2.21 -2.59 -9.62
N GLY A 123 3.14 -1.76 -9.14
CA GLY A 123 3.21 -1.67 -7.67
C GLY A 123 4.08 -0.50 -7.27
N HIS A 124 4.21 -0.27 -5.97
CA HIS A 124 5.05 0.82 -5.47
C HIS A 124 6.38 0.28 -4.93
N LEU A 125 7.44 1.02 -5.18
CA LEU A 125 8.76 0.76 -4.61
C LEU A 125 9.16 1.98 -3.77
N THR A 126 9.52 1.72 -2.51
CA THR A 126 9.92 2.77 -1.61
C THR A 126 11.23 2.46 -0.88
N LEU A 127 12.04 3.50 -0.77
CA LEU A 127 13.26 3.61 -0.02
C LEU A 127 12.98 3.88 1.46
N LYS A 128 13.39 2.97 2.31
CA LYS A 128 13.46 3.15 3.75
C LYS A 128 14.49 2.17 4.33
N ALA B 1 -24.79 -6.85 -0.56
CA ALA B 1 -23.54 -6.13 -0.75
C ALA B 1 -22.72 -6.07 0.53
N GLN B 2 -21.42 -5.84 0.31
CA GLN B 2 -20.55 -5.70 1.49
C GLN B 2 -20.27 -4.23 1.76
N CYS B 3 -20.76 -3.77 2.90
CA CYS B 3 -20.58 -2.35 3.24
C CYS B 3 -20.07 -2.22 4.68
N SER B 4 -19.24 -3.18 5.07
CA SER B 4 -18.62 -3.16 6.40
C SER B 4 -17.35 -3.99 6.47
N VAL B 5 -16.59 -3.75 7.52
CA VAL B 5 -15.38 -4.53 7.75
C VAL B 5 -15.20 -4.78 9.24
N ASP B 6 -14.74 -5.96 9.63
CA ASP B 6 -14.34 -6.26 11.00
C ASP B 6 -12.83 -6.09 11.14
N ILE B 7 -12.40 -5.29 12.13
CA ILE B 7 -10.97 -5.07 12.35
C ILE B 7 -10.63 -5.28 13.82
N GLN B 8 -9.43 -5.81 14.05
CA GLN B 8 -8.97 -6.07 15.41
C GLN B 8 -7.65 -5.34 15.68
N GLY B 9 -7.51 -4.82 16.90
CA GLY B 9 -6.24 -4.30 17.41
C GLY B 9 -5.81 -5.17 18.59
N ASN B 10 -4.56 -5.59 18.68
CA ASN B 10 -4.20 -6.60 19.72
C ASN B 10 -3.11 -6.14 20.65
N ASP B 11 -2.52 -7.04 21.45
CA ASP B 11 -1.54 -6.68 22.46
C ASP B 11 -0.16 -6.36 21.89
N GLN B 12 0.06 -6.60 20.61
CA GLN B 12 1.31 -6.25 19.96
C GLN B 12 1.21 -5.00 19.11
N MET B 13 0.24 -4.12 19.40
CA MET B 13 0.20 -2.80 18.76
C MET B 13 0.08 -2.90 17.25
N GLN B 14 -0.68 -3.89 16.76
CA GLN B 14 -1.02 -3.95 15.34
C GLN B 14 -2.54 -4.04 15.09
N PHE B 15 -2.96 -3.55 13.93
CA PHE B 15 -4.25 -3.92 13.36
C PHE B 15 -4.08 -5.18 12.50
N ASN B 16 -5.16 -5.92 12.25
CA ASN B 16 -5.01 -7.15 11.48
C ASN B 16 -5.23 -6.91 10.00
N THR B 17 -5.23 -5.64 9.60
CA THR B 17 -5.17 -5.31 8.17
C THR B 17 -4.56 -3.92 7.99
N ASN B 18 -3.92 -3.64 6.85
CA ASN B 18 -3.46 -2.26 6.63
C ASN B 18 -4.14 -1.64 5.40
N ALA B 19 -5.22 -2.27 4.93
CA ALA B 19 -5.88 -1.70 3.75
C ALA B 19 -7.37 -1.97 3.79
N ILE B 20 -8.20 -0.93 3.72
CA ILE B 20 -9.65 -1.13 3.72
C ILE B 20 -10.20 -0.56 2.42
N THR B 21 -11.11 -1.28 1.78
CA THR B 21 -11.81 -0.80 0.59
C THR B 21 -13.31 -0.64 0.89
N VAL B 22 -13.85 0.43 0.34
CA VAL B 22 -15.23 0.87 0.49
C VAL B 22 -15.88 0.85 -0.89
N ASP B 23 -16.87 -0.01 -1.04
CA ASP B 23 -17.55 -0.08 -2.36
C ASP B 23 -18.37 1.18 -2.56
N LYS B 24 -18.19 1.86 -3.69
CA LYS B 24 -18.83 3.16 -3.85
C LYS B 24 -20.32 2.96 -4.11
N SER B 25 -20.76 1.71 -4.16
CA SER B 25 -22.20 1.46 -4.28
C SER B 25 -22.86 1.67 -2.93
N CYS B 26 -22.07 1.65 -1.85
CA CYS B 26 -22.60 1.74 -0.50
C CYS B 26 -23.02 3.15 -0.13
N LYS B 27 -24.21 3.30 0.49
CA LYS B 27 -24.56 4.65 0.96
C LYS B 27 -23.84 4.97 2.28
N GLN B 28 -23.67 3.96 3.10
CA GLN B 28 -22.96 4.01 4.38
C GLN B 28 -21.96 2.88 4.55
N PHE B 29 -20.96 3.10 5.43
CA PHE B 29 -19.92 2.09 5.63
C PHE B 29 -19.73 1.89 7.14
N THR B 30 -19.64 0.64 7.59
CA THR B 30 -19.49 0.31 9.02
C THR B 30 -18.18 -0.39 9.34
N VAL B 31 -17.50 0.08 10.39
CA VAL B 31 -16.30 -0.56 10.93
C VAL B 31 -16.61 -1.14 12.30
N ASN B 32 -16.34 -2.41 12.53
CA ASN B 32 -16.51 -3.15 13.76
C ASN B 32 -15.16 -3.46 14.37
N LEU B 33 -14.71 -2.70 15.36
CA LEU B 33 -13.43 -2.88 16.01
C LEU B 33 -13.50 -3.77 17.24
N SER B 34 -12.53 -4.67 17.45
CA SER B 34 -12.50 -5.43 18.70
C SER B 34 -11.06 -5.55 19.18
N HIS B 35 -10.89 -5.95 20.44
CA HIS B 35 -9.59 -6.04 21.07
C HIS B 35 -9.39 -7.42 21.67
N PRO B 36 -8.80 -8.35 20.91
CA PRO B 36 -8.61 -9.71 21.46
C PRO B 36 -7.48 -9.88 22.44
N GLY B 37 -6.71 -8.87 22.81
CA GLY B 37 -5.64 -9.16 23.78
C GLY B 37 -6.11 -9.17 25.23
N ASN B 38 -5.13 -9.15 26.13
CA ASN B 38 -5.35 -9.16 27.57
C ASN B 38 -4.97 -7.88 28.30
N LEU B 39 -4.33 -6.93 27.60
CA LEU B 39 -3.90 -5.68 28.23
C LEU B 39 -5.00 -4.64 28.36
N PRO B 40 -4.93 -3.91 29.48
CA PRO B 40 -5.96 -2.90 29.75
C PRO B 40 -5.80 -1.65 28.88
N LYS B 41 -6.88 -0.89 28.79
CA LYS B 41 -6.98 0.30 27.94
C LYS B 41 -5.94 1.38 28.20
N ASN B 42 -5.51 1.56 29.45
CA ASN B 42 -4.54 2.61 29.73
C ASN B 42 -3.12 2.22 29.31
N VAL B 43 -2.89 0.97 28.99
CA VAL B 43 -1.60 0.49 28.57
C VAL B 43 -1.57 0.18 27.08
N MET B 44 -2.68 -0.31 26.53
CA MET B 44 -2.71 -0.78 25.15
C MET B 44 -4.04 -0.48 24.53
N GLY B 45 -4.56 0.74 24.76
CA GLY B 45 -5.86 1.08 24.22
C GLY B 45 -5.85 1.27 22.69
N HIS B 46 -6.98 0.92 22.08
CA HIS B 46 -7.06 1.14 20.63
C HIS B 46 -8.38 1.79 20.24
N ASN B 47 -8.27 2.68 19.24
CA ASN B 47 -9.44 3.23 18.58
C ASN B 47 -9.22 3.09 17.07
N TRP B 48 -10.24 3.45 16.28
CA TRP B 48 -10.18 3.43 14.82
C TRP B 48 -10.65 4.82 14.37
N VAL B 49 -9.76 5.55 13.70
CA VAL B 49 -9.99 6.96 13.34
C VAL B 49 -9.67 7.18 11.87
N LEU B 50 -10.53 7.91 11.17
CA LEU B 50 -10.40 8.14 9.74
C LEU B 50 -10.21 9.62 9.44
N SER B 51 -9.21 10.00 8.67
CA SER B 51 -9.01 11.39 8.23
C SER B 51 -8.34 11.39 6.85
N THR B 52 -8.17 12.57 6.22
CA THR B 52 -7.29 12.59 5.06
C THR B 52 -5.87 12.22 5.47
N ALA B 53 -5.08 11.81 4.46
CA ALA B 53 -3.67 11.61 4.73
C ALA B 53 -3.00 12.89 5.21
N ALA B 54 -3.32 14.04 4.61
CA ALA B 54 -2.76 15.31 5.01
C ALA B 54 -3.07 15.73 6.44
N ASP B 55 -4.27 15.37 6.94
CA ASP B 55 -4.64 15.69 8.31
C ASP B 55 -4.23 14.67 9.38
N MET B 56 -3.74 13.49 9.04
CA MET B 56 -3.49 12.46 10.04
C MET B 56 -2.55 12.94 11.14
N GLN B 57 -1.42 13.55 10.78
CA GLN B 57 -0.49 13.93 11.88
C GLN B 57 -1.09 14.93 12.85
N GLY B 58 -1.80 15.95 12.36
CA GLY B 58 -2.45 16.89 13.30
C GLY B 58 -3.45 16.19 14.21
N VAL B 59 -4.27 15.28 13.66
CA VAL B 59 -5.21 14.53 14.51
C VAL B 59 -4.52 13.70 15.57
N VAL B 60 -3.44 13.02 15.18
CA VAL B 60 -2.69 12.17 16.14
C VAL B 60 -2.09 13.04 17.21
N THR B 61 -1.46 14.16 16.83
CA THR B 61 -0.75 15.02 17.80
C THR B 61 -1.72 15.69 18.75
N ASP B 62 -2.84 16.21 18.26
CA ASP B 62 -3.83 16.87 19.11
C ASP B 62 -4.54 15.82 19.96
N GLY B 63 -4.67 14.58 19.47
CA GLY B 63 -5.27 13.49 20.23
C GLY B 63 -4.44 13.12 21.45
N MET B 64 -3.12 12.96 21.26
CA MET B 64 -2.21 12.72 22.37
C MET B 64 -2.40 13.75 23.47
N ALA B 65 -2.44 15.03 23.06
CA ALA B 65 -2.53 16.10 24.04
C ALA B 65 -3.89 16.15 24.73
N SER B 66 -4.97 15.63 24.13
CA SER B 66 -6.30 15.56 24.77
C SER B 66 -6.34 14.57 25.93
N GLY B 67 -5.45 13.57 25.97
CA GLY B 67 -5.37 12.65 27.09
C GLY B 67 -6.33 11.48 27.10
N LEU B 68 -6.04 10.51 28.00
CA LEU B 68 -6.80 9.28 28.12
C LEU B 68 -8.29 9.51 28.39
N ASP B 69 -8.64 10.50 29.23
CA ASP B 69 -10.09 10.59 29.51
C ASP B 69 -10.89 11.07 28.32
N LYS B 70 -10.26 11.61 27.28
CA LYS B 70 -11.04 11.98 26.08
C LYS B 70 -10.77 11.02 24.93
N ASP B 71 -10.40 9.79 25.26
CA ASP B 71 -10.10 8.74 24.27
C ASP B 71 -8.98 9.14 23.31
N TYR B 72 -8.08 9.99 23.77
CA TYR B 72 -6.92 10.46 22.98
C TYR B 72 -7.41 11.07 21.66
N LEU B 73 -8.52 11.81 21.70
CA LEU B 73 -9.03 12.50 20.53
C LEU B 73 -9.47 13.92 20.88
N LYS B 74 -9.11 14.90 20.03
CA LYS B 74 -9.61 16.26 20.27
C LYS B 74 -11.13 16.26 20.14
N PRO B 75 -11.87 16.77 21.12
CA PRO B 75 -13.32 16.82 20.98
C PRO B 75 -13.78 17.54 19.71
N ASP B 76 -14.73 16.98 18.96
CA ASP B 76 -15.35 17.69 17.85
C ASP B 76 -14.32 18.18 16.83
N ASP B 77 -13.30 17.38 16.56
CA ASP B 77 -12.25 17.66 15.58
C ASP B 77 -12.79 17.70 14.15
N SER B 78 -12.73 18.87 13.51
CA SER B 78 -13.25 19.01 12.16
C SER B 78 -12.53 18.13 11.14
N ARG B 79 -11.34 17.60 11.47
CA ARG B 79 -10.62 16.78 10.50
C ARG B 79 -10.99 15.30 10.53
N VAL B 80 -11.71 14.89 11.56
CA VAL B 80 -12.05 13.49 11.78
C VAL B 80 -13.36 13.18 11.07
N ILE B 81 -13.27 12.29 10.07
CA ILE B 81 -14.43 11.89 9.29
C ILE B 81 -15.25 10.86 10.05
N ALA B 82 -14.59 10.00 10.81
CA ALA B 82 -15.26 8.93 11.57
C ALA B 82 -14.34 8.43 12.69
N GLN B 83 -14.90 8.05 13.84
CA GLN B 83 -14.09 7.54 14.94
C GLN B 83 -14.86 6.57 15.81
N THR B 84 -14.18 5.57 16.36
CA THR B 84 -14.69 4.77 17.45
C THR B 84 -14.19 5.32 18.78
N LYS B 85 -14.76 4.78 19.86
CA LYS B 85 -14.20 5.06 21.16
C LYS B 85 -12.90 4.26 21.33
N LEU B 86 -12.13 4.61 22.34
CA LEU B 86 -10.94 3.86 22.75
C LEU B 86 -11.34 2.64 23.57
N ILE B 87 -10.85 1.44 23.27
CA ILE B 87 -11.16 0.19 23.97
C ILE B 87 -9.90 -0.53 24.44
N GLY B 88 -10.07 -1.33 25.49
CA GLY B 88 -9.05 -2.23 26.00
C GLY B 88 -9.49 -3.68 25.77
N SER B 89 -8.72 -4.62 26.29
CA SER B 89 -8.97 -6.04 25.99
C SER B 89 -10.39 -6.49 26.27
N GLY B 90 -10.88 -7.27 25.33
CA GLY B 90 -12.18 -7.91 25.45
C GLY B 90 -13.35 -7.03 25.05
N GLU B 91 -13.09 -5.76 24.77
CA GLU B 91 -14.15 -4.82 24.42
C GLU B 91 -14.33 -4.71 22.90
N LYS B 92 -15.36 -4.00 22.49
CA LYS B 92 -15.64 -3.79 21.08
C LYS B 92 -16.37 -2.48 20.83
N ASP B 93 -16.28 -1.93 19.62
CA ASP B 93 -17.09 -0.75 19.33
C ASP B 93 -17.26 -0.66 17.82
N SER B 94 -18.35 -0.04 17.36
CA SER B 94 -18.57 0.11 15.93
C SER B 94 -18.88 1.56 15.56
N VAL B 95 -18.56 1.95 14.34
CA VAL B 95 -18.94 3.26 13.81
C VAL B 95 -19.36 3.16 12.35
N THR B 96 -20.39 3.91 12.00
CA THR B 96 -20.87 3.99 10.61
C THR B 96 -20.72 5.41 10.11
N PHE B 97 -20.39 5.61 8.83
CA PHE B 97 -20.32 6.97 8.29
C PHE B 97 -20.89 6.97 6.88
N ASP B 98 -21.17 8.16 6.37
CA ASP B 98 -21.72 8.28 5.01
C ASP B 98 -20.64 8.27 3.97
N VAL B 99 -20.78 7.39 2.98
CA VAL B 99 -19.76 7.31 1.93
C VAL B 99 -19.65 8.63 1.17
N SER B 100 -20.70 9.46 1.18
CA SER B 100 -20.65 10.77 0.52
C SER B 100 -19.56 11.65 1.10
N LYS B 101 -19.06 11.35 2.30
CA LYS B 101 -18.01 12.15 2.91
C LYS B 101 -16.65 11.89 2.28
N LEU B 102 -16.52 10.82 1.50
CA LEU B 102 -15.24 10.53 0.83
C LEU B 102 -15.22 11.18 -0.55
N LYS B 103 -14.14 11.95 -0.80
CA LYS B 103 -13.94 12.57 -2.10
C LYS B 103 -13.30 11.55 -3.02
N GLU B 104 -13.86 11.41 -4.22
CA GLU B 104 -13.18 10.59 -5.21
C GLU B 104 -11.76 11.11 -5.41
N GLY B 105 -10.81 10.21 -5.39
CA GLY B 105 -9.41 10.40 -5.58
C GLY B 105 -8.66 10.90 -4.37
N GLU B 106 -9.33 11.31 -3.30
CA GLU B 106 -8.57 11.84 -2.16
C GLU B 106 -7.90 10.67 -1.45
N GLN B 107 -6.79 10.96 -0.80
CA GLN B 107 -6.10 9.94 -0.01
C GLN B 107 -6.57 9.88 1.43
N TYR B 108 -7.12 8.76 1.89
CA TYR B 108 -7.58 8.61 3.26
C TYR B 108 -6.75 7.59 4.04
N MET B 109 -6.57 7.87 5.34
CA MET B 109 -5.87 6.99 6.23
C MET B 109 -6.70 6.66 7.46
N PHE B 110 -6.58 5.43 7.97
CA PHE B 110 -7.15 5.05 9.25
C PHE B 110 -6.00 4.78 10.20
N PHE B 111 -6.24 4.94 11.50
CA PHE B 111 -5.17 4.84 12.49
C PHE B 111 -5.71 4.81 13.91
N CYS B 112 -4.88 4.39 14.86
CA CYS B 112 -5.13 4.48 16.29
C CYS B 112 -4.44 5.72 16.83
N THR B 113 -5.09 6.50 17.69
CA THR B 113 -4.48 7.71 18.23
C THR B 113 -3.99 7.56 19.66
N PHE B 114 -4.00 6.34 20.25
CA PHE B 114 -3.27 6.18 21.52
C PHE B 114 -1.81 6.60 21.33
N PRO B 115 -1.17 7.28 22.27
CA PRO B 115 0.22 7.75 22.03
C PRO B 115 1.17 6.71 21.49
N GLY B 116 1.85 7.01 20.38
CA GLY B 116 2.80 6.18 19.69
C GLY B 116 2.20 5.09 18.81
N HIS B 117 0.92 4.74 18.96
CA HIS B 117 0.44 3.53 18.26
C HIS B 117 0.46 3.66 16.75
N SER B 118 0.26 4.88 16.21
CA SER B 118 0.11 5.01 14.75
C SER B 118 1.41 4.71 13.99
N ALA B 119 2.57 4.59 14.67
CA ALA B 119 3.78 4.18 13.96
C ALA B 119 3.56 2.85 13.27
N LEU B 120 2.74 1.97 13.86
CA LEU B 120 2.37 0.69 13.24
C LEU B 120 0.90 0.59 12.88
N MET B 121 0.03 1.15 13.73
CA MET B 121 -1.42 1.03 13.60
C MET B 121 -1.96 2.13 12.69
N LYS B 122 -1.76 1.90 11.38
CA LYS B 122 -2.27 2.87 10.39
C LYS B 122 -2.39 2.11 9.06
N GLY B 123 -3.28 2.61 8.22
CA GLY B 123 -3.46 2.00 6.89
C GLY B 123 -4.18 2.96 5.96
N HIS B 124 -4.40 2.49 4.73
CA HIS B 124 -5.03 3.34 3.73
C HIS B 124 -6.46 2.83 3.49
N LEU B 125 -7.36 3.74 3.26
CA LEU B 125 -8.75 3.52 2.97
C LEU B 125 -9.06 4.15 1.60
N THR B 126 -9.58 3.31 0.72
CA THR B 126 -9.91 3.66 -0.64
C THR B 126 -11.33 3.24 -1.01
N LEU B 127 -11.88 3.96 -1.98
CA LEU B 127 -13.08 3.62 -2.69
C LEU B 127 -12.77 2.59 -3.76
N LYS B 128 -13.55 1.53 -3.79
CA LYS B 128 -13.47 0.60 -4.92
C LYS B 128 -14.34 1.20 -6.02
N ALA C 1 -31.25 -23.90 -39.45
CA ALA C 1 -29.91 -23.32 -39.37
C ALA C 1 -29.52 -23.16 -37.90
N GLN C 2 -28.27 -22.78 -37.66
CA GLN C 2 -27.76 -22.46 -36.33
C GLN C 2 -27.34 -20.99 -36.33
N CYS C 3 -28.13 -20.12 -35.71
CA CYS C 3 -27.87 -18.70 -35.69
C CYS C 3 -27.42 -18.27 -34.29
N SER C 4 -26.75 -19.15 -33.56
CA SER C 4 -26.17 -18.79 -32.27
C SER C 4 -24.94 -19.64 -31.98
N VAL C 5 -24.16 -19.20 -31.00
CA VAL C 5 -23.02 -19.98 -30.53
C VAL C 5 -22.87 -19.82 -29.01
N ASP C 6 -22.42 -20.86 -28.33
CA ASP C 6 -22.13 -20.89 -26.92
C ASP C 6 -20.64 -20.87 -26.66
N ILE C 7 -20.19 -19.82 -25.96
CA ILE C 7 -18.75 -19.65 -25.72
C ILE C 7 -18.42 -19.49 -24.24
N GLN C 8 -17.28 -20.06 -23.86
CA GLN C 8 -16.79 -19.96 -22.50
C GLN C 8 -15.41 -19.28 -22.46
N GLY C 9 -15.17 -18.44 -21.45
CA GLY C 9 -13.91 -17.81 -21.11
C GLY C 9 -13.54 -18.22 -19.69
N ASN C 10 -12.37 -18.81 -19.48
CA ASN C 10 -12.06 -19.49 -18.24
C ASN C 10 -10.96 -18.81 -17.44
N ASP C 11 -10.50 -19.49 -16.38
CA ASP C 11 -9.50 -18.92 -15.51
C ASP C 11 -8.12 -18.94 -16.15
N GLN C 12 -8.01 -19.62 -17.31
CA GLN C 12 -6.70 -19.71 -17.97
C GLN C 12 -6.57 -18.68 -19.09
N MET C 13 -7.48 -17.72 -19.14
CA MET C 13 -7.44 -16.66 -20.14
C MET C 13 -7.64 -17.19 -21.55
N GLN C 14 -8.57 -18.12 -21.69
CA GLN C 14 -8.88 -18.63 -23.02
C GLN C 14 -10.36 -18.67 -23.31
N PHE C 15 -10.72 -18.46 -24.57
CA PHE C 15 -12.01 -18.83 -25.13
C PHE C 15 -11.95 -20.29 -25.62
N ASN C 16 -13.08 -20.99 -25.61
CA ASN C 16 -13.12 -22.39 -26.04
C ASN C 16 -13.45 -22.51 -27.52
N THR C 17 -13.10 -21.50 -28.31
CA THR C 17 -13.14 -21.47 -29.76
C THR C 17 -12.42 -20.21 -30.26
N ASN C 18 -11.87 -20.32 -31.46
CA ASN C 18 -11.18 -19.22 -32.13
C ASN C 18 -11.74 -18.93 -33.50
N ALA C 19 -12.91 -19.49 -33.83
CA ALA C 19 -13.48 -19.31 -35.16
C ALA C 19 -15.01 -19.45 -35.12
N ILE C 20 -15.69 -18.43 -35.61
CA ILE C 20 -17.15 -18.39 -35.68
C ILE C 20 -17.55 -18.05 -37.11
N THR C 21 -18.45 -18.82 -37.72
CA THR C 21 -18.99 -18.50 -39.04
C THR C 21 -20.48 -18.18 -38.94
N VAL C 22 -20.93 -17.03 -39.41
CA VAL C 22 -22.32 -16.61 -39.33
C VAL C 22 -23.04 -16.85 -40.65
N ASP C 23 -23.96 -17.81 -40.61
CA ASP C 23 -24.74 -18.19 -41.79
C ASP C 23 -25.41 -16.97 -42.41
N LYS C 24 -25.25 -16.81 -43.71
CA LYS C 24 -25.86 -15.66 -44.39
C LYS C 24 -27.37 -15.74 -44.31
N SER C 25 -27.91 -16.94 -44.09
CA SER C 25 -29.36 -17.14 -43.95
C SER C 25 -29.90 -16.67 -42.61
N CYS C 26 -29.07 -16.21 -41.69
CA CYS C 26 -29.54 -15.68 -40.42
C CYS C 26 -29.90 -14.21 -40.47
N LYS C 27 -31.07 -13.84 -39.93
CA LYS C 27 -31.34 -12.40 -39.80
C LYS C 27 -30.62 -11.78 -38.61
N GLN C 28 -30.49 -12.54 -37.52
CA GLN C 28 -29.77 -12.12 -36.33
C GLN C 28 -28.89 -13.25 -35.83
N PHE C 29 -27.85 -12.91 -35.07
CA PHE C 29 -26.94 -13.91 -34.51
C PHE C 29 -26.76 -13.67 -33.01
N THR C 30 -26.71 -14.74 -32.23
CA THR C 30 -26.62 -14.64 -30.78
C THR C 30 -25.39 -15.33 -30.21
N VAL C 31 -24.74 -14.60 -29.31
CA VAL C 31 -23.61 -15.13 -28.58
C VAL C 31 -23.97 -15.27 -27.08
N ASN C 32 -23.88 -16.48 -26.57
CA ASN C 32 -24.11 -16.77 -25.15
C ASN C 32 -22.76 -17.02 -24.48
N LEU C 33 -22.24 -16.05 -23.73
CA LEU C 33 -20.96 -16.17 -23.04
C LEU C 33 -21.13 -16.57 -21.57
N SER C 34 -20.28 -17.49 -21.11
CA SER C 34 -20.25 -17.90 -19.70
C SER C 34 -18.79 -17.99 -19.19
N HIS C 35 -18.61 -17.98 -17.86
CA HIS C 35 -17.35 -18.00 -17.14
C HIS C 35 -17.30 -19.16 -16.15
N PRO C 36 -16.82 -20.32 -16.61
CA PRO C 36 -16.77 -21.50 -15.72
C PRO C 36 -15.62 -21.46 -14.73
N GLY C 37 -14.97 -20.33 -14.51
CA GLY C 37 -13.82 -20.34 -13.60
C GLY C 37 -14.20 -19.95 -12.18
N ASN C 38 -13.17 -19.71 -11.36
CA ASN C 38 -13.35 -19.37 -9.95
C ASN C 38 -12.93 -17.94 -9.67
N LEU C 39 -12.25 -17.25 -10.59
CA LEU C 39 -11.75 -15.92 -10.27
C LEU C 39 -12.73 -14.79 -10.55
N PRO C 40 -12.66 -13.71 -9.79
CA PRO C 40 -13.62 -12.60 -9.92
C PRO C 40 -13.28 -11.68 -11.10
N LYS C 41 -14.26 -10.88 -11.50
CA LYS C 41 -14.22 -9.97 -12.61
C LYS C 41 -13.06 -8.99 -12.60
N ASN C 42 -12.68 -8.45 -11.44
CA ASN C 42 -11.61 -7.46 -11.44
C ASN C 42 -10.22 -8.07 -11.69
N VAL C 43 -10.09 -9.40 -11.67
CA VAL C 43 -8.78 -9.99 -11.99
C VAL C 43 -8.84 -10.92 -13.18
N MET C 44 -9.99 -11.45 -13.54
CA MET C 44 -10.09 -12.33 -14.71
C MET C 44 -11.42 -12.08 -15.41
N GLY C 45 -11.82 -10.81 -15.53
CA GLY C 45 -13.11 -10.60 -16.22
C GLY C 45 -13.00 -10.89 -17.70
N HIS C 46 -14.11 -11.33 -18.31
CA HIS C 46 -14.21 -11.55 -19.73
C HIS C 46 -15.49 -10.92 -20.30
N ASN C 47 -15.32 -10.38 -21.50
CA ASN C 47 -16.46 -10.00 -22.32
C ASN C 47 -16.27 -10.59 -23.71
N TRP C 48 -17.28 -10.41 -24.58
CA TRP C 48 -17.18 -10.84 -26.00
C TRP C 48 -17.51 -9.61 -26.83
N VAL C 49 -16.55 -9.11 -27.58
CA VAL C 49 -16.68 -7.87 -28.35
C VAL C 49 -16.36 -8.12 -29.82
N LEU C 50 -17.15 -7.51 -30.70
CA LEU C 50 -16.98 -7.72 -32.14
C LEU C 50 -16.61 -6.47 -32.89
N SER C 51 -15.60 -6.55 -33.76
CA SER C 51 -15.27 -5.36 -34.58
C SER C 51 -14.60 -5.76 -35.88
N THR C 52 -14.35 -4.82 -36.80
CA THR C 52 -13.45 -5.13 -37.89
C THR C 52 -12.07 -5.51 -37.36
N ALA C 53 -11.31 -6.29 -38.14
CA ALA C 53 -9.97 -6.66 -37.70
C ALA C 53 -9.14 -5.38 -37.56
N ALA C 54 -9.36 -4.44 -38.49
CA ALA C 54 -8.55 -3.22 -38.50
C ALA C 54 -8.85 -2.35 -37.29
N ASP C 55 -10.02 -2.54 -36.70
CA ASP C 55 -10.48 -1.70 -35.61
C ASP C 55 -10.20 -2.34 -34.25
N MET C 56 -9.87 -3.62 -34.20
CA MET C 56 -9.66 -4.29 -32.92
C MET C 56 -8.67 -3.55 -32.03
N GLN C 57 -7.49 -3.21 -32.55
CA GLN C 57 -6.48 -2.64 -31.66
C GLN C 57 -6.94 -1.32 -31.05
N GLY C 58 -7.59 -0.45 -31.83
CA GLY C 58 -8.08 0.81 -31.28
C GLY C 58 -9.12 0.54 -30.19
N VAL C 59 -10.03 -0.40 -30.47
CA VAL C 59 -11.08 -0.72 -29.50
C VAL C 59 -10.48 -1.27 -28.20
N VAL C 60 -9.49 -2.14 -28.30
CA VAL C 60 -8.81 -2.71 -27.13
C VAL C 60 -8.13 -1.62 -26.31
N THR C 61 -7.33 -0.79 -26.97
CA THR C 61 -6.63 0.30 -26.29
C THR C 61 -7.54 1.34 -25.65
N ASP C 62 -8.58 1.79 -26.35
CA ASP C 62 -9.41 2.81 -25.68
C ASP C 62 -10.22 2.11 -24.61
N GLY C 63 -10.46 0.81 -24.79
CA GLY C 63 -11.24 0.11 -23.77
C GLY C 63 -10.50 0.05 -22.44
N MET C 64 -9.20 -0.26 -22.52
CA MET C 64 -8.42 -0.26 -21.28
C MET C 64 -8.45 1.11 -20.61
N ALA C 65 -8.24 2.16 -21.40
CA ALA C 65 -8.19 3.46 -20.73
C ALA C 65 -9.54 3.88 -20.16
N SER C 66 -10.64 3.23 -20.59
CA SER C 66 -11.97 3.63 -20.10
C SER C 66 -12.19 3.08 -18.70
N GLY C 67 -11.58 1.93 -18.41
CA GLY C 67 -11.57 1.40 -17.07
C GLY C 67 -12.64 0.36 -16.79
N LEU C 68 -12.48 -0.30 -15.64
CA LEU C 68 -13.32 -1.38 -15.18
C LEU C 68 -14.78 -1.00 -15.03
N ASP C 69 -15.05 0.22 -14.55
CA ASP C 69 -16.43 0.64 -14.35
C ASP C 69 -17.19 0.79 -15.66
N LYS C 70 -16.45 0.95 -16.75
CA LYS C 70 -17.06 1.06 -18.07
C LYS C 70 -16.96 -0.27 -18.82
N ASP C 71 -16.80 -1.37 -18.10
CA ASP C 71 -16.59 -2.75 -18.56
C ASP C 71 -15.47 -2.79 -19.60
N TYR C 72 -14.44 -1.97 -19.37
CA TYR C 72 -13.34 -1.84 -20.32
C TYR C 72 -13.73 -1.63 -21.77
N LEU C 73 -14.72 -0.78 -22.03
CA LEU C 73 -15.13 -0.37 -23.38
C LEU C 73 -15.37 1.14 -23.51
N LYS C 74 -14.90 1.75 -24.59
CA LYS C 74 -15.25 3.12 -24.94
C LYS C 74 -16.76 3.23 -25.03
N PRO C 75 -17.38 4.11 -24.25
CA PRO C 75 -18.84 4.31 -24.39
C PRO C 75 -19.19 4.74 -25.80
N ASP C 76 -20.23 4.10 -26.35
CA ASP C 76 -20.78 4.49 -27.65
C ASP C 76 -19.73 4.48 -28.75
N ASP C 77 -18.79 3.56 -28.67
CA ASP C 77 -17.74 3.36 -29.66
C ASP C 77 -18.25 2.82 -31.00
N SER C 78 -18.17 3.73 -31.97
CA SER C 78 -18.61 3.51 -33.34
C SER C 78 -18.02 2.27 -33.97
N ARG C 79 -16.95 1.74 -33.39
CA ARG C 79 -16.22 0.65 -34.00
C ARG C 79 -16.75 -0.71 -33.56
N VAL C 80 -17.47 -0.64 -32.44
CA VAL C 80 -17.97 -1.88 -31.83
C VAL C 80 -19.31 -2.29 -32.44
N ILE C 81 -19.34 -3.45 -33.06
CA ILE C 81 -20.54 -3.95 -33.76
C ILE C 81 -21.50 -4.55 -32.74
N ALA C 82 -20.92 -5.25 -31.77
CA ALA C 82 -21.70 -5.91 -30.74
C ALA C 82 -20.84 -6.22 -29.52
N GLN C 83 -21.45 -6.29 -28.33
CA GLN C 83 -20.69 -6.51 -27.11
C GLN C 83 -21.56 -7.13 -26.02
N THR C 84 -20.96 -8.00 -25.20
CA THR C 84 -21.56 -8.44 -23.95
C THR C 84 -21.04 -7.52 -22.84
N LYS C 85 -21.61 -7.71 -21.65
CA LYS C 85 -21.00 -6.99 -20.53
C LYS C 85 -19.78 -7.80 -20.08
N LEU C 86 -18.99 -7.19 -19.19
CA LEU C 86 -17.87 -7.89 -18.57
C LEU C 86 -18.38 -8.79 -17.46
N ILE C 87 -17.93 -10.04 -17.42
CA ILE C 87 -18.36 -10.97 -16.38
C ILE C 87 -17.22 -11.68 -15.68
N GLY C 88 -17.51 -12.14 -14.44
CA GLY C 88 -16.58 -12.95 -13.69
C GLY C 88 -17.09 -14.35 -13.40
N SER C 89 -16.38 -15.10 -12.54
CA SER C 89 -16.66 -16.48 -12.14
C SER C 89 -18.14 -16.75 -11.95
N GLY C 90 -18.69 -17.74 -12.65
CA GLY C 90 -20.02 -18.28 -12.54
C GLY C 90 -21.10 -17.41 -13.14
N GLU C 91 -20.70 -16.31 -13.77
CA GLU C 91 -21.71 -15.44 -14.38
C GLU C 91 -21.91 -15.80 -15.85
N LYS C 92 -22.93 -15.22 -16.45
CA LYS C 92 -23.19 -15.41 -17.87
C LYS C 92 -23.87 -14.19 -18.48
N ASP C 93 -23.77 -14.06 -19.82
CA ASP C 93 -24.42 -12.96 -20.52
C ASP C 93 -24.54 -13.30 -21.99
N SER C 94 -25.61 -12.85 -22.64
CA SER C 94 -25.83 -13.02 -24.08
C SER C 94 -25.97 -11.71 -24.82
N VAL C 95 -25.69 -11.72 -26.13
CA VAL C 95 -25.92 -10.57 -26.98
C VAL C 95 -26.39 -11.05 -28.36
N THR C 96 -27.38 -10.38 -28.92
CA THR C 96 -27.89 -10.61 -30.28
C THR C 96 -27.65 -9.40 -31.15
N PHE C 97 -27.22 -9.61 -32.41
CA PHE C 97 -26.98 -8.45 -33.26
C PHE C 97 -27.55 -8.82 -34.65
N ASP C 98 -27.76 -7.73 -35.40
CA ASP C 98 -28.37 -7.92 -36.72
C ASP C 98 -27.30 -8.25 -37.74
N VAL C 99 -27.59 -9.31 -38.50
CA VAL C 99 -26.58 -9.73 -39.47
C VAL C 99 -26.45 -8.65 -40.54
N SER C 100 -27.36 -7.67 -40.53
CA SER C 100 -27.28 -6.64 -41.58
C SER C 100 -26.11 -5.67 -41.37
N LYS C 101 -25.50 -5.76 -40.18
CA LYS C 101 -24.44 -4.83 -39.81
C LYS C 101 -23.08 -5.29 -40.33
N LEU C 102 -23.06 -6.52 -40.84
CA LEU C 102 -21.86 -7.09 -41.44
C LEU C 102 -21.83 -6.90 -42.95
N LYS C 103 -20.63 -7.10 -43.52
CA LYS C 103 -20.44 -6.91 -44.95
C LYS C 103 -19.64 -8.04 -45.57
N GLU C 104 -20.27 -8.94 -46.32
CA GLU C 104 -19.50 -9.92 -47.08
C GLU C 104 -18.19 -9.31 -47.54
N GLY C 105 -17.06 -10.02 -47.41
CA GLY C 105 -15.83 -9.40 -47.88
C GLY C 105 -15.02 -8.79 -46.76
N GLU C 106 -15.67 -8.35 -45.69
CA GLU C 106 -14.91 -7.76 -44.59
C GLU C 106 -14.45 -8.87 -43.66
N GLN C 107 -13.36 -8.57 -42.94
CA GLN C 107 -12.78 -9.46 -41.95
C GLN C 107 -13.14 -8.96 -40.55
N TYR C 108 -13.80 -9.78 -39.74
CA TYR C 108 -14.11 -9.36 -38.38
C TYR C 108 -13.34 -10.16 -37.32
N MET C 109 -13.12 -9.54 -36.17
CA MET C 109 -12.54 -10.21 -35.01
C MET C 109 -13.45 -10.14 -33.78
N PHE C 110 -13.45 -11.25 -33.02
CA PHE C 110 -14.05 -11.14 -31.68
C PHE C 110 -12.95 -11.19 -30.63
N PHE C 111 -13.16 -10.60 -29.46
CA PHE C 111 -12.07 -10.56 -28.48
C PHE C 111 -12.63 -10.19 -27.12
N CYS C 112 -11.81 -10.41 -26.09
CA CYS C 112 -12.09 -9.85 -24.76
C CYS C 112 -11.28 -8.55 -24.59
N THR C 113 -11.85 -7.48 -24.02
CA THR C 113 -11.12 -6.23 -23.88
C THR C 113 -10.60 -6.00 -22.47
N PHE C 114 -10.74 -6.95 -21.56
CA PHE C 114 -10.04 -6.86 -20.27
C PHE C 114 -8.56 -6.67 -20.53
N PRO C 115 -7.87 -5.74 -19.87
CA PRO C 115 -6.46 -5.50 -20.20
C PRO C 115 -5.62 -6.76 -20.30
N GLY C 116 -4.90 -6.87 -21.41
CA GLY C 116 -4.01 -7.94 -21.76
C GLY C 116 -4.64 -9.19 -22.33
N HIS C 117 -5.95 -9.38 -22.17
CA HIS C 117 -6.55 -10.69 -22.52
C HIS C 117 -6.60 -11.01 -24.01
N SER C 118 -6.70 -9.95 -24.83
CA SER C 118 -6.86 -10.20 -26.27
C SER C 118 -5.66 -10.86 -26.91
N ALA C 119 -4.49 -10.84 -26.28
CA ALA C 119 -3.34 -11.57 -26.87
C ALA C 119 -3.65 -13.04 -27.06
N LEU C 120 -4.52 -13.59 -26.21
CA LEU C 120 -4.95 -14.97 -26.27
C LEU C 120 -6.43 -15.13 -26.64
N MET C 121 -7.29 -14.30 -26.11
CA MET C 121 -8.75 -14.35 -26.22
C MET C 121 -9.21 -13.52 -27.41
N LYS C 122 -8.99 -14.13 -28.58
CA LYS C 122 -9.41 -13.53 -29.83
C LYS C 122 -9.61 -14.60 -30.88
N GLY C 123 -10.43 -14.27 -31.87
CA GLY C 123 -10.64 -15.17 -33.00
C GLY C 123 -11.32 -14.46 -34.16
N HIS C 124 -11.52 -15.23 -35.22
CA HIS C 124 -12.09 -14.71 -36.45
C HIS C 124 -13.55 -15.04 -36.63
N LEU C 125 -14.32 -14.07 -37.09
CA LEU C 125 -15.73 -14.23 -37.44
C LEU C 125 -15.94 -13.80 -38.88
N THR C 126 -16.70 -14.61 -39.60
CA THR C 126 -17.01 -14.34 -40.99
C THR C 126 -18.35 -14.95 -41.39
N LEU C 127 -18.98 -14.30 -42.36
CA LEU C 127 -20.23 -14.87 -42.87
C LEU C 127 -19.88 -16.15 -43.62
N LYS C 128 -20.78 -17.12 -43.68
CA LYS C 128 -20.51 -18.33 -44.46
C LYS C 128 -20.88 -18.07 -45.91
N ALA D 1 29.81 4.66 45.98
CA ALA D 1 28.37 4.85 45.90
C ALA D 1 27.88 4.74 44.45
N GLN D 2 26.62 5.12 44.23
CA GLN D 2 26.00 4.93 42.93
C GLN D 2 26.06 6.18 42.05
N CYS D 3 26.89 6.14 41.02
CA CYS D 3 26.87 7.23 40.04
C CYS D 3 26.42 6.73 38.68
N SER D 4 25.53 5.75 38.69
CA SER D 4 24.96 5.22 37.45
C SER D 4 23.63 4.53 37.69
N VAL D 5 22.90 4.34 36.59
CA VAL D 5 21.59 3.69 36.68
C VAL D 5 21.32 2.90 35.40
N ASP D 6 20.68 1.74 35.54
CA ASP D 6 20.36 1.01 34.30
C ASP D 6 18.90 1.23 33.89
N ILE D 7 18.64 1.65 32.65
CA ILE D 7 17.32 2.01 32.17
C ILE D 7 16.90 1.08 31.05
N GLN D 8 15.68 0.54 31.10
CA GLN D 8 15.16 -0.19 29.95
C GLN D 8 13.79 0.39 29.53
N GLY D 9 13.55 0.30 28.23
CA GLY D 9 12.24 0.70 27.68
C GLY D 9 11.70 -0.45 26.83
N ASN D 10 10.43 -0.81 27.02
CA ASN D 10 9.93 -2.06 26.48
C ASN D 10 8.98 -1.85 25.32
N ASP D 11 8.25 -2.88 24.90
CA ASP D 11 7.34 -2.75 23.75
C ASP D 11 6.01 -2.10 24.11
N GLN D 12 5.78 -1.87 25.39
CA GLN D 12 4.54 -1.20 25.81
C GLN D 12 4.79 0.27 26.13
N MET D 13 5.90 0.84 25.65
CA MET D 13 6.27 2.23 25.95
C MET D 13 6.35 2.49 27.45
N GLN D 14 7.09 1.63 28.12
CA GLN D 14 7.26 1.84 29.56
C GLN D 14 8.75 1.89 29.89
N PHE D 15 9.20 2.91 30.61
CA PHE D 15 10.50 2.90 31.25
C PHE D 15 10.32 2.07 32.53
N ASN D 16 11.41 1.54 33.09
CA ASN D 16 11.29 0.70 34.26
C ASN D 16 11.35 1.47 35.58
N THR D 17 11.44 2.79 35.48
CA THR D 17 11.43 3.73 36.58
C THR D 17 10.96 5.11 36.12
N ASN D 18 10.33 5.85 37.03
CA ASN D 18 9.95 7.24 36.72
C ASN D 18 10.64 8.24 37.62
N ALA D 19 11.68 7.80 38.31
CA ALA D 19 12.42 8.68 39.21
C ALA D 19 13.87 8.20 39.27
N ILE D 20 14.75 9.19 39.13
CA ILE D 20 16.18 8.98 39.24
C ILE D 20 16.73 10.00 40.22
N THR D 21 17.58 9.47 41.08
CA THR D 21 18.28 10.38 41.99
C THR D 21 19.76 10.39 41.66
N VAL D 22 20.32 11.58 41.55
CA VAL D 22 21.77 11.67 41.34
C VAL D 22 22.42 12.14 42.63
N ASP D 23 23.37 11.38 43.15
CA ASP D 23 24.09 11.72 44.37
C ASP D 23 24.99 12.93 44.17
N LYS D 24 24.89 13.88 45.09
CA LYS D 24 25.60 15.14 44.88
C LYS D 24 27.11 14.95 44.96
N SER D 25 27.58 13.81 45.42
CA SER D 25 29.02 13.58 45.57
C SER D 25 29.63 13.00 44.30
N CYS D 26 28.78 12.49 43.40
CA CYS D 26 29.21 11.96 42.12
C CYS D 26 29.83 13.04 41.26
N LYS D 27 31.00 12.83 40.67
CA LYS D 27 31.48 13.79 39.69
C LYS D 27 30.73 13.62 38.36
N GLN D 28 30.50 12.37 37.98
CA GLN D 28 29.82 12.08 36.71
C GLN D 28 28.71 11.06 36.94
N PHE D 29 27.70 11.05 36.06
CA PHE D 29 26.59 10.12 36.21
C PHE D 29 26.32 9.42 34.89
N THR D 30 26.11 8.11 34.95
CA THR D 30 25.95 7.31 33.74
C THR D 30 24.57 6.67 33.62
N VAL D 31 23.99 6.75 32.41
CA VAL D 31 22.76 6.03 32.12
C VAL D 31 23.03 4.95 31.08
N ASN D 32 22.73 3.69 31.43
CA ASN D 32 22.86 2.60 30.44
C ASN D 32 21.48 2.20 29.94
N LEU D 33 21.16 2.54 28.69
CA LEU D 33 19.87 2.26 28.08
C LEU D 33 19.83 0.96 27.30
N SER D 34 18.85 0.11 27.58
CA SER D 34 18.56 -1.10 26.80
C SER D 34 17.08 -1.20 26.47
N HIS D 35 16.75 -2.19 25.65
CA HIS D 35 15.38 -2.35 25.16
C HIS D 35 15.01 -3.84 25.14
N PRO D 36 14.36 -4.35 26.17
CA PRO D 36 13.90 -5.76 26.08
C PRO D 36 12.68 -5.83 25.19
N GLY D 37 12.11 -6.99 24.86
CA GLY D 37 10.97 -6.77 23.94
C GLY D 37 11.43 -6.88 22.50
N ASN D 38 10.49 -6.96 21.56
CA ASN D 38 10.77 -7.42 20.21
C ASN D 38 10.70 -6.41 19.07
N LEU D 39 10.17 -5.21 19.23
CA LEU D 39 9.95 -4.32 18.08
C LEU D 39 11.15 -3.47 17.73
N PRO D 40 11.33 -3.24 16.44
CA PRO D 40 12.44 -2.45 15.92
C PRO D 40 12.27 -0.93 16.13
N LYS D 41 13.34 -0.15 15.90
CA LYS D 41 13.41 1.26 16.25
C LYS D 41 12.54 2.19 15.41
N ASN D 42 12.21 1.86 14.16
CA ASN D 42 11.32 2.73 13.39
C ASN D 42 9.88 2.71 13.87
N VAL D 43 9.48 1.75 14.68
CA VAL D 43 8.12 1.76 15.24
C VAL D 43 8.11 1.76 16.76
N MET D 44 9.21 1.44 17.44
CA MET D 44 9.25 1.38 18.90
C MET D 44 10.64 1.81 19.38
N GLY D 45 11.20 2.80 18.71
CA GLY D 45 12.50 3.39 19.10
C GLY D 45 12.44 4.09 20.44
N HIS D 46 13.51 3.95 21.23
CA HIS D 46 13.62 4.62 22.51
C HIS D 46 15.00 5.31 22.61
N ASN D 47 15.00 6.54 23.12
CA ASN D 47 16.20 7.23 23.58
C ASN D 47 15.95 7.64 25.03
N TRP D 48 16.99 8.13 25.71
CA TRP D 48 16.91 8.71 27.05
C TRP D 48 17.48 10.12 26.95
N VAL D 49 16.63 11.10 27.24
CA VAL D 49 16.97 12.50 26.98
C VAL D 49 16.70 13.31 28.27
N LEU D 50 17.63 14.14 28.70
CA LEU D 50 17.51 14.89 29.95
C LEU D 50 17.44 16.39 29.69
N SER D 51 16.44 17.07 30.25
CA SER D 51 16.39 18.53 30.18
C SER D 51 15.77 19.13 31.44
N THR D 52 15.76 20.45 31.62
CA THR D 52 14.92 20.95 32.68
C THR D 52 13.46 20.62 32.34
N ALA D 53 12.63 20.57 33.35
CA ALA D 53 11.19 20.37 33.25
C ALA D 53 10.61 21.40 32.28
N ALA D 54 11.03 22.66 32.40
CA ALA D 54 10.48 23.74 31.59
C ALA D 54 10.81 23.59 30.11
N ASP D 55 11.97 23.02 29.80
CA ASP D 55 12.38 22.80 28.41
C ASP D 55 11.89 21.50 27.79
N MET D 56 11.25 20.60 28.51
CA MET D 56 10.94 19.27 27.95
C MET D 56 10.05 19.32 26.72
N GLN D 57 9.00 20.12 26.76
CA GLN D 57 8.06 20.08 25.63
C GLN D 57 8.70 20.62 24.36
N GLY D 58 9.55 21.64 24.47
CA GLY D 58 10.17 22.15 23.25
C GLY D 58 11.15 21.15 22.65
N VAL D 59 11.89 20.44 23.52
CA VAL D 59 12.81 19.41 23.05
C VAL D 59 12.04 18.30 22.35
N VAL D 60 10.93 17.86 22.90
CA VAL D 60 10.13 16.79 22.28
C VAL D 60 9.57 17.22 20.95
N THR D 61 8.96 18.41 20.87
CA THR D 61 8.35 18.88 19.62
C THR D 61 9.38 19.12 18.51
N ASP D 62 10.53 19.72 18.87
CA ASP D 62 11.54 19.96 17.84
C ASP D 62 12.26 18.68 17.44
N GLY D 63 12.32 17.72 18.37
CA GLY D 63 12.86 16.41 18.05
C GLY D 63 12.03 15.67 17.04
N MET D 64 10.72 15.68 17.23
CA MET D 64 9.85 15.04 16.24
C MET D 64 10.05 15.61 14.85
N ALA D 65 10.19 16.93 14.75
CA ALA D 65 10.43 17.61 13.48
C ALA D 65 11.75 17.22 12.82
N SER D 66 12.77 16.94 13.62
CA SER D 66 14.09 16.52 13.16
C SER D 66 14.12 15.12 12.55
N GLY D 67 13.29 14.19 12.99
CA GLY D 67 13.09 12.91 12.34
C GLY D 67 13.94 11.76 12.79
N LEU D 68 13.55 10.57 12.34
CA LEU D 68 14.13 9.30 12.71
C LEU D 68 15.63 9.26 12.49
N ASP D 69 16.07 9.79 11.35
CA ASP D 69 17.49 9.71 11.02
C ASP D 69 18.35 10.62 11.89
N LYS D 70 17.73 11.49 12.69
CA LYS D 70 18.46 12.36 13.60
C LYS D 70 18.11 12.03 15.05
N ASP D 71 17.76 10.76 15.29
CA ASP D 71 17.37 10.22 16.58
C ASP D 71 16.18 10.98 17.21
N TYR D 72 15.35 11.62 16.41
CA TYR D 72 14.23 12.43 16.86
C TYR D 72 14.71 13.51 17.83
N LEU D 73 15.85 14.13 17.53
CA LEU D 73 16.43 15.20 18.36
C LEU D 73 16.92 16.37 17.52
N LYS D 74 16.62 17.59 17.91
CA LYS D 74 17.21 18.75 17.22
C LYS D 74 18.73 18.74 17.33
N PRO D 75 19.46 18.96 16.24
CA PRO D 75 20.92 18.99 16.33
C PRO D 75 21.40 20.10 17.27
N ASP D 76 22.39 19.74 18.07
CA ASP D 76 23.05 20.67 18.99
C ASP D 76 22.05 21.44 19.84
N ASP D 77 20.96 20.82 20.24
CA ASP D 77 19.96 21.50 21.06
C ASP D 77 20.52 21.97 22.40
N SER D 78 20.64 23.30 22.59
CA SER D 78 21.16 23.85 23.83
C SER D 78 20.35 23.49 25.06
N ARG D 79 19.11 23.01 24.94
CA ARG D 79 18.31 22.67 26.10
C ARG D 79 18.55 21.24 26.58
N VAL D 80 19.26 20.44 25.79
CA VAL D 80 19.45 19.03 26.18
C VAL D 80 20.75 18.92 27.01
N ILE D 81 20.62 18.46 28.25
CA ILE D 81 21.77 18.29 29.11
C ILE D 81 22.57 17.04 28.78
N ALA D 82 21.87 15.98 28.38
CA ALA D 82 22.43 14.70 28.03
C ALA D 82 21.45 13.91 27.15
N GLN D 83 21.92 13.09 26.21
CA GLN D 83 21.05 12.35 25.30
C GLN D 83 21.75 11.06 24.91
N THR D 84 21.02 9.97 24.71
CA THR D 84 21.49 8.78 24.04
C THR D 84 21.03 8.81 22.58
N LYS D 85 21.54 7.87 21.78
CA LYS D 85 20.97 7.64 20.47
C LYS D 85 19.62 6.91 20.60
N LEU D 86 18.86 6.88 19.51
CA LEU D 86 17.63 6.08 19.43
C LEU D 86 17.92 4.59 19.22
N ILE D 87 17.38 3.69 20.02
CA ILE D 87 17.64 2.24 19.94
C ILE D 87 16.34 1.47 19.76
N GLY D 88 16.41 0.24 19.27
CA GLY D 88 15.24 -0.64 19.11
C GLY D 88 15.53 -1.97 19.81
N SER D 89 14.65 -2.96 19.74
CA SER D 89 14.85 -4.27 20.36
C SER D 89 16.29 -4.76 20.26
N GLY D 90 16.83 -5.14 21.41
CA GLY D 90 18.14 -5.79 21.52
C GLY D 90 19.30 -4.84 21.34
N GLU D 91 19.03 -3.55 21.16
CA GLU D 91 20.18 -2.66 21.00
C GLU D 91 20.45 -1.97 22.33
N LYS D 92 21.57 -1.24 22.43
CA LYS D 92 21.85 -0.56 23.70
C LYS D 92 22.63 0.74 23.48
N ASP D 93 22.64 1.62 24.47
CA ASP D 93 23.54 2.77 24.37
C ASP D 93 23.71 3.40 25.74
N SER D 94 24.82 4.08 25.99
CA SER D 94 25.03 4.80 27.23
C SER D 94 25.37 6.28 27.02
N VAL D 95 25.16 7.04 28.12
CA VAL D 95 25.59 8.43 28.08
C VAL D 95 26.03 8.83 29.50
N THR D 96 27.14 9.54 29.58
CA THR D 96 27.68 10.07 30.83
C THR D 96 27.76 11.59 30.78
N PHE D 97 27.31 12.29 31.84
CA PHE D 97 27.41 13.74 31.89
C PHE D 97 28.04 14.20 33.21
N ASP D 98 28.58 15.43 33.20
CA ASP D 98 29.12 16.05 34.42
C ASP D 98 27.98 16.51 35.34
N VAL D 99 28.07 16.10 36.59
CA VAL D 99 27.06 16.42 37.59
C VAL D 99 27.09 17.92 37.86
N SER D 100 28.22 18.55 37.60
CA SER D 100 28.33 20.00 37.70
C SER D 100 27.36 20.69 36.74
N LYS D 101 26.77 19.90 35.83
CA LYS D 101 25.80 20.49 34.90
C LYS D 101 24.43 20.63 35.55
N LEU D 102 24.24 20.02 36.70
CA LEU D 102 22.97 20.12 37.42
C LEU D 102 23.09 21.12 38.58
N LYS D 103 21.98 21.74 38.97
CA LYS D 103 22.01 22.65 40.12
C LYS D 103 20.92 22.30 41.12
N GLU D 104 21.25 22.51 42.40
CA GLU D 104 20.27 22.24 43.45
C GLU D 104 19.06 23.16 43.32
N GLY D 105 17.88 22.63 43.66
CA GLY D 105 16.70 23.45 43.57
C GLY D 105 15.96 23.32 42.26
N GLU D 106 16.66 23.07 41.16
CA GLU D 106 16.06 22.98 39.83
C GLU D 106 15.34 21.66 39.62
N GLN D 107 14.37 21.67 38.69
CA GLN D 107 13.64 20.44 38.39
C GLN D 107 14.00 19.93 36.99
N TYR D 108 14.39 18.67 36.91
CA TYR D 108 14.77 18.00 35.67
C TYR D 108 13.86 16.81 35.34
N MET D 109 13.76 16.56 34.03
CA MET D 109 12.97 15.46 33.49
C MET D 109 13.78 14.63 32.50
N PHE D 110 13.53 13.32 32.53
CA PHE D 110 14.05 12.45 31.47
C PHE D 110 12.89 11.87 30.66
N PHE D 111 13.12 11.59 29.38
CA PHE D 111 12.03 11.17 28.52
C PHE D 111 12.55 10.55 27.21
N CYS D 112 11.66 9.89 26.48
CA CYS D 112 11.93 9.43 25.12
C CYS D 112 11.31 10.41 24.12
N THR D 113 12.03 10.79 23.10
CA THR D 113 11.48 11.73 22.10
C THR D 113 10.94 11.08 20.82
N PHE D 114 10.88 9.75 20.75
CA PHE D 114 10.23 9.10 19.61
C PHE D 114 8.77 9.60 19.61
N PRO D 115 8.15 9.94 18.48
CA PRO D 115 6.81 10.54 18.45
C PRO D 115 5.75 9.80 19.25
N GLY D 116 5.14 10.53 20.21
CA GLY D 116 4.13 9.96 21.06
C GLY D 116 4.61 9.36 22.36
N HIS D 117 5.91 8.97 22.42
CA HIS D 117 6.33 8.17 23.57
C HIS D 117 6.37 8.96 24.87
N SER D 118 6.59 10.27 24.82
CA SER D 118 6.87 11.01 26.06
C SER D 118 5.61 11.15 26.90
N ALA D 119 4.39 10.92 26.36
CA ALA D 119 3.19 10.84 27.18
C ALA D 119 3.34 9.78 28.26
N LEU D 120 4.04 8.70 27.94
CA LEU D 120 4.09 7.56 28.86
C LEU D 120 5.50 7.27 29.39
N MET D 121 6.48 7.66 28.62
CA MET D 121 7.90 7.48 28.86
C MET D 121 8.58 8.76 29.32
N LYS D 122 8.38 9.09 30.59
CA LYS D 122 8.95 10.28 31.22
C LYS D 122 9.09 10.12 32.73
N GLY D 123 10.03 10.88 33.30
CA GLY D 123 10.25 10.78 34.75
C GLY D 123 11.01 11.99 35.26
N HIS D 124 11.16 12.04 36.60
CA HIS D 124 11.85 13.14 37.23
C HIS D 124 13.25 12.75 37.70
N LEU D 125 14.21 13.66 37.55
CA LEU D 125 15.58 13.48 38.02
C LEU D 125 15.92 14.63 38.97
N THR D 126 16.50 14.32 40.13
CA THR D 126 16.93 15.39 41.03
C THR D 126 18.31 15.11 41.63
N LEU D 127 19.08 16.12 41.97
CA LEU D 127 20.35 16.08 42.68
C LEU D 127 20.03 15.93 44.19
N LYS D 128 20.32 14.76 44.71
CA LYS D 128 20.00 14.24 46.04
C LYS D 128 18.96 15.12 46.74
CU CU E . 3.60 -9.00 -18.38
RE REP F . -0.96 2.95 -6.07
N1 REP F . -1.24 2.38 -3.98
N2 REP F . -1.01 4.85 -5.00
O1 REP F . -4.00 2.97 -6.71
O2 REP F . -0.34 4.13 -8.86
O3 REP F . -1.16 0.12 -7.37
C1 REP F . -2.87 3.03 -6.48
C2 REP F . -0.57 3.69 -7.83
C3 REP F . -0.97 1.17 -6.87
C7 REP F . -1.54 1.18 -3.51
C8 REP F . -1.63 0.92 -2.14
C9 REP F . -1.45 1.91 -1.26
C10 REP F . -1.23 3.23 -1.71
C11 REP F . -1.13 3.42 -3.10
C12 REP F . -1.01 4.73 -3.63
C13 REP F . -1.04 5.85 -2.79
C14 REP F . -1.23 7.08 -3.37
C15 REP F . -1.35 7.20 -4.72
C16 REP F . -1.21 6.06 -5.50
C17 REP F . -1.13 4.38 -0.86
C18 REP F . -1.04 5.62 -1.38
CU CU G . -3.87 1.55 19.82
RE REP H . 1.47 3.65 3.68
N1 REP H . 1.55 2.20 2.08
N2 REP H . 2.04 4.82 1.94
O1 REP H . 4.38 3.23 4.65
O2 REP H . 1.24 6.04 5.65
O3 REP H . 0.59 1.68 5.93
C1 REP H . 3.31 3.39 4.25
C2 REP H . 1.32 5.15 4.91
C3 REP H . 0.97 2.47 5.15
C7 REP H . 1.37 0.88 2.17
C8 REP H . 1.45 0.02 1.07
C9 REP H . 1.74 0.52 -0.13
C10 REP H . 1.92 1.91 -0.30
C11 REP H . 1.88 2.70 0.85
C12 REP H . 2.14 4.11 0.78
C13 REP H . 2.41 4.71 -0.46
C14 REP H . 2.64 6.07 -0.47
C15 REP H . 2.55 6.80 0.68
C16 REP H . 2.24 6.13 1.87
C17 REP H . 2.09 2.57 -1.57
C18 REP H . 2.30 3.90 -1.64
CO CON I . -17.14 15.52 13.07
N1 CON I . -15.48 15.12 14.24
N2 CON I . -19.47 16.26 12.30
N3 CON I . -17.52 13.84 11.66
N4 CON I . -16.93 17.63 14.51
CU CU J . -11.00 -11.65 -20.48
RE REP K . -5.58 -14.84 -36.49
N1 REP K . -5.53 -16.71 -37.60
N2 REP K . -4.99 -14.25 -38.50
O1 REP K . -2.64 -15.10 -35.50
O2 REP K . -5.76 -11.98 -35.32
O3 REP K . -6.19 -15.94 -33.64
C1 REP K . -3.73 -14.96 -35.87
C2 REP K . -5.69 -13.04 -35.75
C3 REP K . -6.07 -15.54 -34.74
C7 REP K . -5.77 -17.94 -37.13
C8 REP K . -5.85 -19.06 -37.96
C9 REP K . -5.55 -18.94 -39.25
C10 REP K . -5.25 -17.68 -39.81
C11 REP K . -5.30 -16.57 -38.94
C12 REP K . -5.01 -15.27 -39.42
C13 REP K . -4.79 -15.06 -40.78
C14 REP K . -4.51 -13.76 -41.19
C15 REP K . -4.47 -12.75 -40.29
C16 REP K . -4.71 -13.04 -38.95
C17 REP K . -4.97 -17.43 -41.19
C18 REP K . -4.76 -16.19 -41.65
CU CU L . 10.49 5.45 22.86
RE REP M . 5.38 13.61 37.01
N1 REP M . 5.25 12.68 38.97
N2 REP M . 5.03 15.27 38.35
O1 REP M . 2.36 13.26 36.36
O2 REP M . 5.72 15.29 34.43
O3 REP M . 5.55 11.02 35.25
C1 REP M . 3.48 13.41 36.60
C2 REP M . 5.59 14.67 35.39
C3 REP M . 5.65 12.00 35.93
C7 REP M . 5.48 11.41 39.28
C8 REP M . 5.29 10.91 40.57
C9 REP M . 4.86 11.72 41.54
C10 REP M . 4.71 13.10 41.30
C11 REP M . 4.90 13.54 39.97
C12 REP M . 4.84 14.92 39.66
C13 REP M . 4.53 15.86 40.65
C14 REP M . 4.50 17.20 40.29
C15 REP M . 4.78 17.57 39.01
C16 REP M . 5.06 16.57 38.07
C17 REP M . 4.47 14.09 42.31
C18 REP M . 4.37 15.40 42.00
#